data_7HH1
#
_entry.id   7HH1
#
_cell.length_a   41.630
_cell.length_b   42.280
_cell.length_c   158.960
_cell.angle_alpha   90.00
_cell.angle_beta   90.00
_cell.angle_gamma   90.00
#
_symmetry.space_group_name_H-M   'P 21 21 21'
#
loop_
_entity.id
_entity.type
_entity.pdbx_description
1 polymer 'Hepatoma-derived growth factor-related protein 2'
2 non-polymer 'SULFATE ION'
3 non-polymer 1,2-ETHANEDIOL
4 non-polymer N-(2-fluorophenyl)ethanesulfonamide
5 water water
#
_entity_poly.entity_id   1
_entity_poly.type   'polypeptide(L)'
_entity_poly.pdbx_seq_one_letter_code
;GMPHAFKPGDLVFAKMKGYPHWPARIDDIADGAVKPPPNKYPIFFFGTHETAFLGPKDLFPYDKSKDKYGKPNKRKGFNE
GLWEIQNNPHASYS
;
_entity_poly.pdbx_strand_id   A,B,C
#
loop_
_chem_comp.id
_chem_comp.type
_chem_comp.name
_chem_comp.formula
EDO non-polymer 1,2-ETHANEDIOL 'C2 H6 O2'
SO4 non-polymer 'SULFATE ION' 'O4 S -2'
VVG non-polymer N-(2-fluorophenyl)ethanesulfonamide 'C8 H10 F N O2 S'
#
# COMPACT_ATOMS: atom_id res chain seq x y z
N MET A 2 7.88 25.90 8.07
CA MET A 2 7.20 26.19 6.79
C MET A 2 7.10 24.93 5.95
N PRO A 3 6.04 24.79 5.11
CA PRO A 3 5.89 23.67 4.19
C PRO A 3 7.01 23.39 3.19
N HIS A 4 7.21 22.10 2.93
CA HIS A 4 8.11 21.67 1.89
C HIS A 4 7.22 21.27 0.73
N ALA A 5 7.84 20.89 -0.40
CA ALA A 5 7.09 20.21 -1.43
C ALA A 5 6.70 18.81 -0.97
N PHE A 6 5.66 18.30 -1.62
CA PHE A 6 5.22 16.91 -1.42
C PHE A 6 6.38 15.93 -1.66
N LYS A 7 6.44 14.91 -0.78
CA LYS A 7 7.42 13.84 -1.01
C LYS A 7 6.76 12.48 -0.73
N PRO A 8 7.35 11.37 -1.21
CA PRO A 8 6.81 10.04 -0.94
C PRO A 8 6.66 9.84 0.57
N GLY A 9 5.52 9.26 0.98
CA GLY A 9 5.24 8.96 2.36
C GLY A 9 4.32 10.01 2.97
N ASP A 10 4.24 11.21 2.34
CA ASP A 10 3.30 12.18 2.91
C ASP A 10 1.85 11.70 2.85
N LEU A 11 1.07 12.04 3.90
CA LEU A 11 -0.30 11.61 4.05
C LEU A 11 -1.20 12.78 3.68
N VAL A 12 -2.27 12.45 2.93
CA VAL A 12 -3.14 13.51 2.39
C VAL A 12 -4.60 13.04 2.37
N PHE A 13 -5.51 14.02 2.17
CA PHE A 13 -6.75 13.72 1.48
C PHE A 13 -6.58 14.20 0.05
N ALA A 14 -6.95 13.31 -0.90
CA ALA A 14 -6.79 13.59 -2.31
C ALA A 14 -8.17 13.75 -2.95
N LYS A 15 -8.31 14.80 -3.78
CA LYS A 15 -9.63 15.07 -4.38
C LYS A 15 -9.63 14.73 -5.86
N MET A 16 -10.59 13.87 -6.26
CA MET A 16 -10.94 13.53 -7.63
C MET A 16 -12.35 14.06 -7.88
N LYS A 17 -12.63 14.56 -9.08
CA LYS A 17 -13.96 15.04 -9.42
C LYS A 17 -14.97 13.91 -9.22
N GLY A 18 -16.11 14.24 -8.58
CA GLY A 18 -17.11 13.21 -8.38
C GLY A 18 -16.90 12.36 -7.13
N TYR A 19 -15.76 12.52 -6.44
CA TYR A 19 -15.59 11.72 -5.23
C TYR A 19 -15.28 12.64 -4.06
N PRO A 20 -15.59 12.22 -2.82
CA PRO A 20 -15.28 13.00 -1.62
C PRO A 20 -13.74 13.00 -1.45
N HIS A 21 -13.20 14.02 -0.79
CA HIS A 21 -11.79 14.08 -0.42
C HIS A 21 -11.39 12.77 0.28
N TRP A 22 -10.33 12.09 -0.22
CA TRP A 22 -10.19 10.66 0.04
C TRP A 22 -8.86 10.40 0.73
N PRO A 23 -8.82 9.62 1.84
CA PRO A 23 -7.54 9.32 2.50
C PRO A 23 -6.54 8.67 1.52
N ALA A 24 -5.31 9.19 1.49
CA ALA A 24 -4.34 8.74 0.50
C ALA A 24 -2.90 9.07 0.93
N ARG A 25 -1.94 8.51 0.19
CA ARG A 25 -0.53 8.85 0.44
C ARG A 25 0.16 9.15 -0.88
N ILE A 26 1.24 9.95 -0.78
CA ILE A 26 2.13 10.03 -1.94
C ILE A 26 2.98 8.77 -1.99
N ASP A 27 2.91 8.06 -3.11
CA ASP A 27 3.67 6.82 -3.23
C ASP A 27 5.07 7.10 -3.79
N ASP A 28 5.97 6.13 -3.56
CA ASP A 28 7.22 6.12 -4.30
C ASP A 28 6.92 5.54 -5.69
N ILE A 29 7.88 5.65 -6.59
CA ILE A 29 7.79 4.93 -7.85
C ILE A 29 8.88 3.86 -7.77
N ALA A 30 8.50 2.58 -7.88
CA ALA A 30 9.43 1.45 -7.88
C ALA A 30 10.36 1.53 -9.10
N ASP A 31 11.59 1.05 -8.94
CA ASP A 31 12.43 0.83 -10.12
C ASP A 31 11.62 0.10 -11.18
N GLY A 32 11.72 0.58 -12.44
CA GLY A 32 11.12 -0.01 -13.61
C GLY A 32 9.62 0.23 -13.76
N ALA A 33 9.03 0.98 -12.82
CA ALA A 33 7.59 1.20 -12.86
C ALA A 33 7.28 2.46 -13.67
N VAL A 34 6.03 2.53 -14.16
CA VAL A 34 5.57 3.70 -14.91
C VAL A 34 5.59 4.97 -14.05
N LYS A 35 6.20 6.03 -14.58
CA LYS A 35 6.36 7.31 -13.89
C LYS A 35 5.15 8.19 -14.17
N PRO A 36 4.84 9.15 -13.28
CA PRO A 36 3.69 10.03 -13.52
C PRO A 36 4.09 11.07 -14.55
N PRO A 37 3.09 11.78 -15.12
CA PRO A 37 3.38 12.95 -15.96
C PRO A 37 4.12 14.03 -15.18
N PRO A 38 4.80 15.00 -15.85
CA PRO A 38 5.37 16.14 -15.15
C PRO A 38 4.34 16.85 -14.27
N ASN A 39 4.84 17.34 -13.13
CA ASN A 39 4.11 18.11 -12.14
C ASN A 39 3.04 17.26 -11.44
N LYS A 40 3.03 15.93 -11.71
CA LYS A 40 2.02 15.08 -11.05
C LYS A 40 2.73 14.09 -10.11
N TYR A 41 1.97 13.63 -9.11
CA TYR A 41 2.46 12.72 -8.09
C TYR A 41 1.67 11.43 -8.19
N PRO A 42 2.27 10.26 -7.85
CA PRO A 42 1.49 9.03 -7.77
C PRO A 42 0.79 8.99 -6.42
N ILE A 43 -0.55 8.99 -6.48
CA ILE A 43 -1.35 8.97 -5.27
C ILE A 43 -1.94 7.58 -5.08
N PHE A 44 -1.66 7.00 -3.88
CA PHE A 44 -2.25 5.73 -3.54
C PHE A 44 -3.42 6.01 -2.61
N PHE A 45 -4.61 5.59 -3.04
CA PHE A 45 -5.82 5.81 -2.25
C PHE A 45 -6.04 4.64 -1.30
N PHE A 46 -6.12 4.96 -0.01
CA PHE A 46 -6.36 3.91 0.99
C PHE A 46 -7.76 3.34 0.80
N GLY A 47 -7.93 2.07 1.20
CA GLY A 47 -9.26 1.46 1.15
C GLY A 47 -9.49 0.84 -0.24
N THR A 48 -9.53 1.66 -1.31
CA THR A 48 -9.68 1.13 -2.67
C THR A 48 -8.36 0.53 -3.16
N HIS A 49 -7.24 1.07 -2.65
CA HIS A 49 -5.91 0.66 -3.06
C HIS A 49 -5.67 0.97 -4.54
N GLU A 50 -6.32 2.01 -5.03
CA GLU A 50 -6.07 2.39 -6.41
C GLU A 50 -5.03 3.51 -6.49
N THR A 51 -4.43 3.71 -7.68
CA THR A 51 -3.46 4.78 -7.89
C THR A 51 -3.99 5.69 -8.96
N ALA A 52 -3.90 7.00 -8.73
CA ALA A 52 -4.11 8.01 -9.77
C ALA A 52 -2.99 9.04 -9.70
N PHE A 53 -2.84 9.84 -10.77
CA PHE A 53 -1.79 10.85 -10.79
C PHE A 53 -2.41 12.22 -10.60
N LEU A 54 -1.97 12.94 -9.56
CA LEU A 54 -2.65 14.19 -9.22
C LEU A 54 -1.60 15.26 -8.95
N GLY A 55 -2.01 16.52 -9.15
CA GLY A 55 -1.12 17.62 -8.78
C GLY A 55 -1.52 18.20 -7.41
N PRO A 56 -0.67 19.08 -6.85
CA PRO A 56 -0.87 19.67 -5.52
C PRO A 56 -2.20 20.36 -5.26
N LYS A 57 -2.85 20.85 -6.35
CA LYS A 57 -4.13 21.50 -6.14
C LYS A 57 -5.21 20.56 -5.59
N ASP A 58 -4.99 19.22 -5.76
CA ASP A 58 -5.97 18.26 -5.31
C ASP A 58 -5.46 17.52 -4.06
N LEU A 59 -4.36 17.99 -3.45
CA LEU A 59 -3.75 17.31 -2.29
C LEU A 59 -3.81 18.18 -1.03
N PHE A 60 -4.51 17.63 -0.02
CA PHE A 60 -4.71 18.36 1.24
C PHE A 60 -3.96 17.63 2.35
N PRO A 61 -2.94 18.25 2.98
CA PRO A 61 -2.17 17.54 4.01
C PRO A 61 -3.07 16.96 5.10
N TYR A 62 -2.79 15.70 5.52
CA TYR A 62 -3.75 14.99 6.34
C TYR A 62 -3.98 15.63 7.73
N ASP A 63 -2.88 16.04 8.37
CA ASP A 63 -2.99 16.53 9.74
C ASP A 63 -3.91 17.73 9.81
N LYS A 64 -3.69 18.70 8.90
CA LYS A 64 -4.50 19.92 8.81
C LYS A 64 -5.98 19.62 8.49
N SER A 65 -6.27 18.59 7.67
CA SER A 65 -7.54 18.39 6.99
C SER A 65 -8.45 17.33 7.64
N LYS A 66 -7.90 16.55 8.58
CA LYS A 66 -8.63 15.36 9.01
C LYS A 66 -9.92 15.68 9.76
N ASP A 67 -9.94 16.81 10.49
N ASP A 67 -9.91 16.79 10.51
CA ASP A 67 -11.14 17.21 11.22
CA ASP A 67 -11.12 17.24 11.20
C ASP A 67 -12.30 17.48 10.26
C ASP A 67 -12.27 17.35 10.20
N LYS A 68 -11.99 18.00 9.07
CA LYS A 68 -12.99 18.26 8.06
C LYS A 68 -13.32 17.02 7.24
N TYR A 69 -12.30 16.26 6.80
CA TYR A 69 -12.54 15.24 5.78
C TYR A 69 -12.53 13.81 6.33
N GLY A 70 -12.07 13.62 7.57
CA GLY A 70 -11.88 12.26 8.08
C GLY A 70 -13.12 11.76 8.84
N LYS A 71 -14.26 11.77 8.18
CA LYS A 71 -15.50 11.28 8.76
C LYS A 71 -15.97 10.12 7.88
N PRO A 72 -16.68 9.11 8.43
CA PRO A 72 -17.17 8.02 7.58
C PRO A 72 -18.01 8.43 6.38
N ASN A 73 -17.94 7.66 5.30
CA ASN A 73 -18.61 7.98 4.07
C ASN A 73 -19.15 6.68 3.50
N LYS A 74 -20.26 6.77 2.79
CA LYS A 74 -20.94 5.60 2.29
C LYS A 74 -20.15 4.94 1.17
N ARG A 75 -19.19 5.65 0.56
CA ARG A 75 -18.61 5.18 -0.68
C ARG A 75 -17.72 3.95 -0.46
N LYS A 76 -17.71 3.06 -1.45
CA LYS A 76 -16.99 1.79 -1.35
C LYS A 76 -15.52 2.05 -1.00
N GLY A 77 -15.04 1.47 0.11
CA GLY A 77 -13.62 1.49 0.41
C GLY A 77 -13.25 2.62 1.36
N PHE A 78 -14.13 3.60 1.48
CA PHE A 78 -13.76 4.80 2.20
C PHE A 78 -13.42 4.54 3.68
N ASN A 79 -14.30 3.81 4.40
CA ASN A 79 -14.09 3.61 5.83
C ASN A 79 -12.87 2.70 6.10
N GLU A 80 -12.64 1.72 5.24
CA GLU A 80 -11.41 0.95 5.31
C GLU A 80 -10.24 1.93 5.14
N GLY A 81 -10.39 2.86 4.18
CA GLY A 81 -9.30 3.81 3.95
C GLY A 81 -9.02 4.65 5.20
N LEU A 82 -10.07 5.09 5.93
CA LEU A 82 -9.86 5.85 7.14
C LEU A 82 -9.04 5.05 8.16
N TRP A 83 -9.28 3.72 8.20
CA TRP A 83 -8.58 2.91 9.18
C TRP A 83 -7.10 2.87 8.80
N GLU A 84 -6.84 2.70 7.50
CA GLU A 84 -5.48 2.48 7.03
C GLU A 84 -4.66 3.74 7.29
N ILE A 85 -5.22 4.89 6.92
CA ILE A 85 -4.42 6.10 7.05
C ILE A 85 -4.08 6.39 8.54
N GLN A 86 -4.99 6.03 9.46
CA GLN A 86 -4.78 6.29 10.89
C GLN A 86 -3.89 5.23 11.54
N ASN A 87 -4.00 3.98 11.09
CA ASN A 87 -3.43 2.85 11.82
C ASN A 87 -2.19 2.23 11.18
N ASN A 88 -2.11 2.24 9.85
CA ASN A 88 -0.92 1.69 9.22
C ASN A 88 -0.71 2.34 7.85
N PRO A 89 -0.44 3.66 7.84
CA PRO A 89 -0.40 4.37 6.56
C PRO A 89 0.79 4.07 5.67
N HIS A 90 1.81 3.40 6.22
CA HIS A 90 3.05 3.17 5.48
C HIS A 90 3.26 1.69 5.14
N ALA A 91 2.21 0.89 5.31
CA ALA A 91 2.32 -0.54 5.02
C ALA A 91 2.27 -0.84 3.52
N SER A 92 2.66 -2.07 3.20
CA SER A 92 2.44 -2.60 1.86
C SER A 92 0.99 -3.08 1.75
N TYR A 93 0.27 -2.56 0.73
CA TYR A 93 -1.12 -2.93 0.50
C TYR A 93 -1.27 -3.61 -0.86
N SER A 94 -0.16 -3.94 -1.51
CA SER A 94 -0.17 -4.65 -2.77
C SER A 94 -0.40 -6.15 -2.52
N MET B 2 35.29 -21.75 -17.02
CA MET B 2 35.02 -22.28 -18.37
C MET B 2 34.24 -21.20 -19.14
N PRO B 3 34.69 -20.79 -20.35
CA PRO B 3 33.95 -19.82 -21.15
C PRO B 3 32.52 -20.32 -21.43
N HIS B 4 31.56 -19.37 -21.48
CA HIS B 4 30.17 -19.70 -21.76
C HIS B 4 29.69 -18.88 -22.96
N ALA B 5 28.46 -19.11 -23.40
CA ALA B 5 27.97 -18.36 -24.56
C ALA B 5 28.07 -16.87 -24.30
N PHE B 6 27.72 -16.48 -23.07
CA PHE B 6 27.84 -15.11 -22.62
C PHE B 6 28.97 -15.01 -21.58
N LYS B 7 29.80 -13.98 -21.73
CA LYS B 7 30.91 -13.79 -20.82
C LYS B 7 30.70 -12.49 -20.05
N PRO B 8 31.32 -12.34 -18.86
CA PRO B 8 31.28 -11.09 -18.09
C PRO B 8 31.64 -9.92 -18.96
N GLY B 9 30.84 -8.84 -18.87
CA GLY B 9 31.00 -7.62 -19.60
C GLY B 9 30.22 -7.55 -20.92
N ASP B 10 29.66 -8.69 -21.36
CA ASP B 10 28.81 -8.62 -22.55
C ASP B 10 27.55 -7.78 -22.26
N LEU B 11 27.17 -7.01 -23.26
CA LEU B 11 26.07 -6.07 -23.10
C LEU B 11 24.84 -6.75 -23.70
N VAL B 12 23.65 -6.56 -23.07
CA VAL B 12 22.42 -7.21 -23.54
C VAL B 12 21.23 -6.30 -23.27
N PHE B 13 20.07 -6.66 -23.83
CA PHE B 13 18.81 -6.31 -23.18
C PHE B 13 18.32 -7.57 -22.46
N ALA B 14 17.85 -7.41 -21.22
CA ALA B 14 17.39 -8.52 -20.42
C ALA B 14 15.89 -8.36 -20.15
N LYS B 15 15.16 -9.49 -20.28
CA LYS B 15 13.70 -9.43 -20.20
C LYS B 15 13.25 -10.04 -18.89
N MET B 16 12.50 -9.24 -18.13
CA MET B 16 11.82 -9.69 -16.92
C MET B 16 10.31 -9.54 -17.13
N LYS B 17 9.55 -10.46 -16.53
CA LYS B 17 8.10 -10.38 -16.60
C LYS B 17 7.63 -9.04 -16.01
N GLY B 18 6.78 -8.35 -16.76
CA GLY B 18 6.22 -7.07 -16.35
C GLY B 18 7.02 -5.86 -16.81
N TYR B 19 8.17 -6.08 -17.48
CA TYR B 19 8.99 -4.93 -17.81
C TYR B 19 9.43 -5.01 -19.28
N PRO B 20 9.76 -3.89 -19.95
CA PRO B 20 10.27 -3.92 -21.33
C PRO B 20 11.68 -4.50 -21.29
N HIS B 21 12.12 -5.09 -22.41
CA HIS B 21 13.54 -5.48 -22.55
C HIS B 21 14.46 -4.36 -22.06
N TRP B 22 15.40 -4.73 -21.17
CA TRP B 22 16.01 -3.67 -20.35
C TRP B 22 17.52 -3.63 -20.58
N PRO B 23 18.17 -2.44 -20.79
CA PRO B 23 19.63 -2.44 -21.00
C PRO B 23 20.36 -3.01 -19.79
N ALA B 24 21.32 -3.91 -20.03
CA ALA B 24 21.90 -4.68 -18.93
C ALA B 24 23.26 -5.23 -19.36
N ARG B 25 23.97 -5.75 -18.36
CA ARG B 25 25.24 -6.42 -18.65
C ARG B 25 25.30 -7.75 -17.91
N ILE B 26 26.14 -8.66 -18.44
CA ILE B 26 26.48 -9.84 -17.69
C ILE B 26 27.57 -9.44 -16.72
N ASP B 27 27.37 -9.79 -15.45
CA ASP B 27 28.38 -9.55 -14.41
C ASP B 27 29.25 -10.78 -14.15
N ASP B 28 30.38 -10.57 -13.44
CA ASP B 28 31.23 -11.60 -12.83
C ASP B 28 30.58 -12.16 -11.57
N ILE B 29 31.18 -13.21 -11.00
CA ILE B 29 30.62 -13.85 -9.81
C ILE B 29 31.18 -13.19 -8.54
N VAL B 34 26.86 -16.14 -3.36
CA VAL B 34 25.84 -16.93 -4.12
C VAL B 34 26.36 -17.12 -5.53
N LYS B 35 26.18 -18.34 -6.08
CA LYS B 35 26.41 -18.57 -7.50
C LYS B 35 25.05 -18.65 -8.21
N PRO B 36 24.96 -18.31 -9.52
CA PRO B 36 23.66 -18.39 -10.22
C PRO B 36 23.07 -19.80 -10.17
N PRO B 37 21.73 -19.98 -10.21
CA PRO B 37 21.17 -21.32 -10.38
C PRO B 37 21.74 -21.86 -11.68
N PRO B 38 21.61 -23.18 -11.95
CA PRO B 38 22.10 -23.77 -13.20
C PRO B 38 21.53 -23.08 -14.43
N ASN B 39 22.37 -22.87 -15.45
CA ASN B 39 21.95 -22.34 -16.76
C ASN B 39 21.74 -20.81 -16.77
N LYS B 40 21.89 -20.13 -15.63
CA LYS B 40 21.59 -18.70 -15.57
C LYS B 40 22.87 -17.90 -15.34
N TYR B 41 22.76 -16.58 -15.52
CA TYR B 41 23.86 -15.63 -15.48
C TYR B 41 23.52 -14.50 -14.51
N PRO B 42 24.52 -13.87 -13.84
CA PRO B 42 24.23 -12.69 -13.03
C PRO B 42 24.11 -11.50 -13.97
N ILE B 43 22.93 -10.86 -13.90
CA ILE B 43 22.60 -9.67 -14.69
C ILE B 43 22.62 -8.41 -13.81
N PHE B 44 23.21 -7.36 -14.35
CA PHE B 44 23.12 -6.02 -13.78
C PHE B 44 22.30 -5.16 -14.75
N PHE B 45 21.22 -4.57 -14.24
CA PHE B 45 20.33 -3.71 -15.00
C PHE B 45 20.79 -2.27 -14.86
N PHE B 46 21.12 -1.69 -16.01
CA PHE B 46 21.56 -0.32 -16.07
C PHE B 46 20.42 0.61 -15.62
N GLY B 47 20.79 1.76 -15.07
CA GLY B 47 19.77 2.76 -14.69
C GLY B 47 19.22 2.52 -13.29
N THR B 48 18.58 1.37 -13.08
CA THR B 48 18.03 0.94 -11.81
C THR B 48 19.13 0.40 -10.90
N HIS B 49 20.17 -0.16 -11.53
CA HIS B 49 21.27 -0.82 -10.83
C HIS B 49 20.77 -2.01 -10.02
N GLU B 50 19.67 -2.65 -10.43
CA GLU B 50 19.22 -3.87 -9.79
C GLU B 50 19.97 -5.07 -10.36
N THR B 51 19.82 -6.21 -9.69
CA THR B 51 20.47 -7.45 -10.12
C THR B 51 19.47 -8.59 -10.08
N ALA B 52 19.65 -9.57 -10.97
CA ALA B 52 18.92 -10.83 -10.96
C ALA B 52 19.69 -11.88 -11.73
N PHE B 53 19.25 -13.14 -11.57
CA PHE B 53 19.74 -14.24 -12.39
C PHE B 53 18.74 -14.53 -13.52
N LEU B 54 19.24 -14.53 -14.75
CA LEU B 54 18.42 -14.86 -15.90
C LEU B 54 19.12 -15.91 -16.76
N GLY B 55 18.30 -16.70 -17.46
CA GLY B 55 18.75 -17.67 -18.45
C GLY B 55 18.85 -17.04 -19.85
N PRO B 56 19.54 -17.69 -20.81
CA PRO B 56 19.60 -17.16 -22.18
C PRO B 56 18.33 -16.79 -22.93
N LYS B 57 17.20 -17.45 -22.61
CA LYS B 57 15.98 -17.16 -23.34
C LYS B 57 15.56 -15.70 -23.15
N ASP B 58 16.06 -15.07 -22.05
CA ASP B 58 15.68 -13.70 -21.70
C ASP B 58 16.81 -12.69 -21.97
N LEU B 59 17.88 -13.15 -22.66
CA LEU B 59 19.05 -12.30 -22.85
C LEU B 59 19.27 -12.08 -24.35
N PHE B 60 19.25 -10.82 -24.75
CA PHE B 60 19.30 -10.42 -26.15
C PHE B 60 20.58 -9.63 -26.38
N PRO B 61 21.58 -10.13 -27.14
CA PRO B 61 22.81 -9.32 -27.37
C PRO B 61 22.52 -7.89 -27.81
N TYR B 62 23.22 -6.91 -27.18
CA TYR B 62 22.89 -5.51 -27.33
C TYR B 62 23.05 -4.99 -28.75
N ASP B 63 24.20 -5.25 -29.40
CA ASP B 63 24.45 -4.81 -30.77
C ASP B 63 23.33 -5.23 -31.72
N LYS B 64 23.04 -6.53 -31.75
CA LYS B 64 21.97 -7.07 -32.56
C LYS B 64 20.63 -6.39 -32.26
N SER B 65 20.37 -6.05 -31.00
CA SER B 65 18.97 -5.79 -30.66
C SER B 65 18.67 -4.32 -30.29
N LYS B 66 19.69 -3.45 -30.33
CA LYS B 66 19.49 -2.10 -29.83
C LYS B 66 18.50 -1.27 -30.66
N ASP B 67 18.42 -1.45 -31.97
CA ASP B 67 17.53 -0.56 -32.71
C ASP B 67 16.06 -0.90 -32.38
N LYS B 68 15.83 -2.18 -32.05
CA LYS B 68 14.51 -2.67 -31.70
C LYS B 68 14.14 -2.32 -30.26
N TYR B 69 15.07 -2.52 -29.30
CA TYR B 69 14.72 -2.45 -27.87
C TYR B 69 15.25 -1.16 -27.24
N GLY B 70 16.15 -0.46 -27.92
CA GLY B 70 16.84 0.66 -27.26
C GLY B 70 16.12 2.01 -27.41
N LYS B 71 14.78 2.02 -27.37
CA LYS B 71 14.08 3.28 -27.52
C LYS B 71 13.70 3.78 -26.14
N PRO B 72 13.72 5.11 -25.89
CA PRO B 72 13.26 5.62 -24.61
C PRO B 72 11.82 5.25 -24.27
N ASN B 73 11.55 5.20 -22.95
CA ASN B 73 10.19 4.97 -22.48
C ASN B 73 9.98 5.71 -21.15
N LYS B 74 8.82 5.49 -20.53
CA LYS B 74 8.47 6.21 -19.32
C LYS B 74 8.69 5.36 -18.05
N ARG B 75 9.40 4.22 -18.15
CA ARG B 75 9.68 3.39 -16.97
C ARG B 75 10.85 4.00 -16.19
N LYS B 76 10.72 4.07 -14.86
CA LYS B 76 11.76 4.61 -14.02
C LYS B 76 13.09 3.86 -14.17
N GLY B 77 14.14 4.64 -14.48
CA GLY B 77 15.52 4.14 -14.63
C GLY B 77 15.85 3.75 -16.07
N PHE B 78 14.86 3.61 -16.95
CA PHE B 78 15.12 3.14 -18.31
C PHE B 78 16.03 4.09 -19.11
N ASN B 79 15.72 5.37 -19.17
CA ASN B 79 16.49 6.29 -20.00
C ASN B 79 17.89 6.48 -19.39
N GLU B 80 17.99 6.41 -18.06
CA GLU B 80 19.31 6.50 -17.45
C GLU B 80 20.12 5.27 -17.87
N GLY B 81 19.41 4.12 -17.94
CA GLY B 81 20.00 2.84 -18.32
C GLY B 81 20.53 2.87 -19.76
N LEU B 82 19.77 3.51 -20.65
CA LEU B 82 20.20 3.70 -22.02
C LEU B 82 21.48 4.52 -22.02
N TRP B 83 21.52 5.55 -21.18
CA TRP B 83 22.71 6.40 -21.08
C TRP B 83 23.92 5.59 -20.65
N GLU B 84 23.76 4.74 -19.63
CA GLU B 84 24.86 4.00 -19.04
C GLU B 84 25.40 2.95 -20.03
N ILE B 85 24.51 2.25 -20.74
CA ILE B 85 25.00 1.14 -21.56
C ILE B 85 25.80 1.70 -22.75
N GLN B 86 25.43 2.90 -23.16
CA GLN B 86 26.04 3.67 -24.25
C GLN B 86 27.38 4.25 -23.81
N ASN B 87 27.41 4.85 -22.61
CA ASN B 87 28.51 5.78 -22.34
C ASN B 87 29.51 5.25 -21.34
N ASN B 88 29.11 4.33 -20.47
CA ASN B 88 30.03 3.76 -19.48
C ASN B 88 29.50 2.42 -18.97
N PRO B 89 29.38 1.44 -19.91
CA PRO B 89 28.79 0.15 -19.57
C PRO B 89 29.57 -0.70 -18.57
N HIS B 90 30.91 -0.39 -18.45
CA HIS B 90 31.76 -1.24 -17.62
C HIS B 90 32.14 -0.60 -16.27
N ALA B 91 31.48 0.52 -15.93
CA ALA B 91 31.76 1.17 -14.66
C ALA B 91 31.30 0.39 -13.44
N SER B 92 31.90 0.73 -12.27
CA SER B 92 31.36 0.36 -10.99
C SER B 92 30.20 1.31 -10.68
N TYR B 93 29.05 0.70 -10.38
CA TYR B 93 27.82 1.36 -10.00
C TYR B 93 27.54 1.03 -8.53
N SER B 94 28.62 0.67 -7.82
CA SER B 94 28.61 0.28 -6.41
C SER B 94 28.13 1.46 -5.54
N HIS C 4 -12.93 -10.92 33.43
CA HIS C 4 -12.65 -9.47 33.61
C HIS C 4 -13.82 -8.80 34.33
N ALA C 5 -14.15 -7.57 33.90
CA ALA C 5 -15.08 -6.69 34.58
C ALA C 5 -15.49 -5.56 33.63
N PHE C 6 -16.81 -5.37 33.46
CA PHE C 6 -17.31 -4.43 32.49
C PHE C 6 -18.40 -3.57 33.14
N LYS C 7 -18.33 -2.25 32.93
CA LYS C 7 -19.38 -1.35 33.38
C LYS C 7 -19.86 -0.59 32.15
N PRO C 8 -21.03 0.08 32.17
CA PRO C 8 -21.50 0.87 31.03
C PRO C 8 -20.40 1.80 30.51
N GLY C 9 -20.20 1.78 29.18
CA GLY C 9 -19.26 2.68 28.54
C GLY C 9 -17.95 2.02 28.13
N ASP C 10 -17.58 0.91 28.80
CA ASP C 10 -16.38 0.14 28.52
C ASP C 10 -16.35 -0.35 27.06
N LEU C 11 -15.23 -0.12 26.38
CA LEU C 11 -15.07 -0.47 24.98
C LEU C 11 -14.53 -1.88 24.82
N VAL C 12 -15.12 -2.64 23.86
CA VAL C 12 -14.87 -4.07 23.77
C VAL C 12 -14.86 -4.47 22.28
N PHE C 13 -14.32 -5.66 22.00
CA PHE C 13 -14.74 -6.49 20.87
C PHE C 13 -15.70 -7.58 21.36
N ALA C 14 -16.84 -7.75 20.66
CA ALA C 14 -17.90 -8.62 21.12
C ALA C 14 -18.13 -9.68 20.05
N LYS C 15 -18.11 -10.96 20.47
CA LYS C 15 -18.22 -12.07 19.52
C LYS C 15 -19.61 -12.69 19.60
N MET C 16 -20.34 -12.68 18.48
CA MET C 16 -21.58 -13.44 18.32
C MET C 16 -21.33 -14.53 17.29
N LYS C 17 -22.07 -15.65 17.43
CA LYS C 17 -22.00 -16.68 16.40
C LYS C 17 -22.47 -16.08 15.05
N GLY C 18 -21.66 -16.34 14.03
CA GLY C 18 -22.04 -15.93 12.69
C GLY C 18 -21.33 -14.64 12.26
N TYR C 19 -20.54 -14.03 13.17
CA TYR C 19 -19.95 -12.70 12.93
C TYR C 19 -18.54 -12.63 13.50
N PRO C 20 -17.66 -11.82 12.89
CA PRO C 20 -16.29 -11.64 13.39
C PRO C 20 -16.38 -10.85 14.70
N HIS C 21 -15.29 -10.89 15.46
CA HIS C 21 -15.22 -10.09 16.68
C HIS C 21 -15.45 -8.62 16.33
N TRP C 22 -16.39 -7.96 17.03
CA TRP C 22 -16.99 -6.75 16.49
C TRP C 22 -16.75 -5.58 17.46
N PRO C 23 -16.37 -4.38 16.98
CA PRO C 23 -16.18 -3.23 17.89
C PRO C 23 -17.50 -2.86 18.55
N ALA C 24 -17.47 -2.74 19.87
CA ALA C 24 -18.71 -2.60 20.62
C ALA C 24 -18.43 -1.86 21.93
N ARG C 25 -19.51 -1.48 22.65
CA ARG C 25 -19.35 -1.08 24.04
C ARG C 25 -20.44 -1.72 24.91
N ILE C 26 -20.14 -1.80 26.21
CA ILE C 26 -21.09 -2.16 27.26
C ILE C 26 -22.01 -0.99 27.51
N ASP C 27 -23.32 -1.23 27.41
CA ASP C 27 -24.34 -0.24 27.72
C ASP C 27 -24.83 -0.40 29.16
N ASP C 28 -25.60 0.59 29.63
CA ASP C 28 -26.25 0.57 30.94
C ASP C 28 -27.61 -0.13 30.80
N LYS C 35 -34.89 -6.90 31.85
CA LYS C 35 -33.55 -7.15 32.42
C LYS C 35 -32.83 -8.18 31.55
N PRO C 36 -31.48 -8.20 31.56
CA PRO C 36 -30.74 -9.18 30.78
C PRO C 36 -31.11 -10.62 31.17
N PRO C 37 -30.81 -11.60 30.30
CA PRO C 37 -30.81 -12.99 30.75
C PRO C 37 -29.72 -13.01 31.82
N PRO C 38 -29.75 -14.02 32.71
CA PRO C 38 -28.73 -14.15 33.76
C PRO C 38 -27.32 -14.07 33.20
N ASN C 39 -26.52 -13.18 33.81
CA ASN C 39 -25.09 -13.08 33.61
C ASN C 39 -24.79 -12.60 32.20
N LYS C 40 -25.73 -11.83 31.62
CA LYS C 40 -25.43 -11.26 30.31
C LYS C 40 -25.37 -9.74 30.39
N TYR C 41 -24.51 -9.17 29.53
CA TYR C 41 -24.32 -7.73 29.43
C TYR C 41 -25.07 -7.19 28.23
N PRO C 42 -25.61 -5.97 28.31
CA PRO C 42 -26.23 -5.29 27.17
C PRO C 42 -25.09 -4.73 26.32
N ILE C 43 -25.10 -5.09 25.03
CA ILE C 43 -24.02 -4.64 24.17
C ILE C 43 -24.58 -3.72 23.11
N PHE C 44 -23.81 -2.67 22.75
CA PHE C 44 -24.13 -1.90 21.57
C PHE C 44 -22.97 -2.03 20.58
N PHE C 45 -23.31 -2.34 19.32
CA PHE C 45 -22.33 -2.65 18.30
C PHE C 45 -22.08 -1.39 17.49
N PHE C 46 -20.81 -0.96 17.41
CA PHE C 46 -20.59 0.20 16.55
C PHE C 46 -20.75 -0.17 15.08
N GLY C 47 -20.95 0.85 14.23
CA GLY C 47 -21.13 0.59 12.82
C GLY C 47 -22.57 0.21 12.49
N THR C 48 -23.03 -0.97 12.96
CA THR C 48 -24.41 -1.38 12.72
C THR C 48 -25.36 -0.66 13.68
N HIS C 49 -24.88 -0.21 14.83
CA HIS C 49 -25.67 0.42 15.88
C HIS C 49 -26.79 -0.50 16.39
N GLU C 50 -26.55 -1.81 16.34
CA GLU C 50 -27.50 -2.78 16.88
C GLU C 50 -27.12 -3.16 18.32
N THR C 51 -28.04 -3.86 18.99
CA THR C 51 -27.86 -4.28 20.39
C THR C 51 -28.15 -5.78 20.50
N ALA C 52 -27.52 -6.40 21.48
CA ALA C 52 -27.72 -7.79 21.86
C ALA C 52 -27.27 -7.94 23.30
N PHE C 53 -27.54 -9.11 23.90
CA PHE C 53 -27.05 -9.46 25.21
C PHE C 53 -25.98 -10.52 25.03
N LEU C 54 -24.82 -10.33 25.67
CA LEU C 54 -23.77 -11.32 25.55
C LEU C 54 -23.14 -11.58 26.91
N GLY C 55 -22.57 -12.78 27.08
CA GLY C 55 -21.88 -13.14 28.31
C GLY C 55 -20.40 -12.79 28.25
N PRO C 56 -19.71 -12.78 29.41
CA PRO C 56 -18.33 -12.29 29.49
C PRO C 56 -17.33 -13.04 28.63
N LYS C 57 -17.61 -14.32 28.36
CA LYS C 57 -16.75 -15.15 27.54
C LYS C 57 -16.68 -14.58 26.12
N ASP C 58 -17.70 -13.80 25.76
CA ASP C 58 -17.82 -13.31 24.39
C ASP C 58 -17.26 -11.90 24.22
N LEU C 59 -16.66 -11.33 25.27
CA LEU C 59 -16.25 -9.93 25.28
C LEU C 59 -14.75 -9.82 25.53
N PHE C 60 -14.10 -8.84 24.88
CA PHE C 60 -12.64 -8.66 24.93
C PHE C 60 -12.36 -7.16 25.09
N PRO C 61 -11.63 -6.70 26.14
CA PRO C 61 -11.41 -5.26 26.30
C PRO C 61 -10.67 -4.69 25.10
N TYR C 62 -11.12 -3.50 24.68
CA TYR C 62 -10.75 -2.90 23.41
C TYR C 62 -9.25 -2.64 23.35
N ASP C 63 -8.73 -1.94 24.37
CA ASP C 63 -7.32 -1.56 24.35
C ASP C 63 -6.45 -2.81 24.32
N LYS C 64 -6.87 -3.86 25.01
CA LYS C 64 -6.07 -5.05 25.16
C LYS C 64 -6.09 -5.87 23.88
N SER C 65 -7.18 -5.79 23.08
CA SER C 65 -7.32 -6.78 22.02
C SER C 65 -7.35 -6.13 20.64
N LYS C 66 -7.27 -4.79 20.56
CA LYS C 66 -7.38 -4.13 19.27
C LYS C 66 -6.27 -4.54 18.32
N ASP C 67 -5.06 -4.82 18.83
CA ASP C 67 -3.98 -5.23 17.95
C ASP C 67 -4.39 -6.45 17.10
N LYS C 68 -5.20 -7.35 17.67
CA LYS C 68 -5.66 -8.57 17.03
C LYS C 68 -7.01 -8.43 16.28
N TYR C 69 -7.99 -7.73 16.86
CA TYR C 69 -9.31 -7.70 16.22
C TYR C 69 -9.57 -6.39 15.48
N GLY C 70 -8.79 -5.32 15.76
CA GLY C 70 -9.08 -4.02 15.19
C GLY C 70 -8.40 -3.92 13.84
N LYS C 71 -8.98 -4.62 12.88
CA LYS C 71 -8.45 -4.63 11.52
C LYS C 71 -9.65 -4.73 10.60
N PRO C 72 -9.60 -4.14 9.40
CA PRO C 72 -10.78 -4.08 8.55
C PRO C 72 -11.29 -5.44 8.13
N ASN C 73 -12.59 -5.42 7.85
CA ASN C 73 -13.12 -6.51 7.03
C ASN C 73 -14.37 -6.00 6.33
N LYS C 74 -14.89 -6.85 5.44
CA LYS C 74 -15.87 -6.38 4.49
C LYS C 74 -17.28 -6.58 5.03
N ARG C 75 -17.41 -7.15 6.24
CA ARG C 75 -18.77 -7.31 6.76
C ARG C 75 -19.47 -5.95 6.92
N LYS C 76 -20.78 -5.97 6.65
CA LYS C 76 -21.59 -4.76 6.63
C LYS C 76 -21.47 -4.00 7.95
N GLY C 77 -20.97 -2.76 7.83
CA GLY C 77 -20.97 -1.81 8.93
C GLY C 77 -19.68 -1.88 9.75
N PHE C 78 -18.82 -2.86 9.44
CA PHE C 78 -17.69 -3.18 10.30
C PHE C 78 -16.71 -1.99 10.32
N ASN C 79 -16.37 -1.49 9.13
CA ASN C 79 -15.29 -0.51 9.09
C ASN C 79 -15.73 0.84 9.66
N GLU C 80 -16.98 1.17 9.42
CA GLU C 80 -17.50 2.34 10.12
C GLU C 80 -17.44 2.12 11.64
N GLY C 81 -17.77 0.90 12.10
CA GLY C 81 -17.64 0.59 13.51
C GLY C 81 -16.23 0.83 14.05
N LEU C 82 -15.21 0.38 13.28
CA LEU C 82 -13.82 0.61 13.68
C LEU C 82 -13.55 2.10 13.82
N TRP C 83 -14.13 2.89 12.93
CA TRP C 83 -13.86 4.33 13.02
C TRP C 83 -14.49 4.85 14.31
N GLU C 84 -15.72 4.41 14.61
CA GLU C 84 -16.43 4.91 15.78
C GLU C 84 -15.72 4.54 17.09
N ILE C 85 -15.25 3.29 17.21
CA ILE C 85 -14.62 2.84 18.45
C ILE C 85 -13.33 3.62 18.75
N GLN C 86 -12.62 4.03 17.70
CA GLN C 86 -11.34 4.71 17.88
C GLN C 86 -11.49 6.23 18.05
N ASN C 87 -12.50 6.83 17.43
CA ASN C 87 -12.58 8.26 17.23
C ASN C 87 -13.79 8.87 17.91
N ASN C 88 -14.84 8.08 18.20
CA ASN C 88 -16.06 8.67 18.72
C ASN C 88 -16.82 7.67 19.59
N PRO C 89 -16.15 7.01 20.56
CA PRO C 89 -16.72 5.83 21.22
C PRO C 89 -17.91 6.08 22.15
N HIS C 90 -18.14 7.35 22.50
CA HIS C 90 -19.19 7.64 23.47
C HIS C 90 -20.25 8.60 22.93
N ALA C 91 -20.34 8.77 21.61
CA ALA C 91 -21.42 9.55 21.01
C ALA C 91 -22.74 8.77 21.09
N SER C 92 -23.85 9.45 20.73
CA SER C 92 -25.20 8.94 20.86
C SER C 92 -25.45 7.73 19.96
N TYR C 93 -25.57 7.99 18.65
CA TYR C 93 -25.97 7.00 17.65
C TYR C 93 -27.41 6.56 17.92
S SO4 D . -20.13 3.26 -4.56
O1 SO4 D . -19.70 2.06 -5.21
O2 SO4 D . -19.00 4.10 -4.27
O3 SO4 D . -21.05 3.97 -5.42
O4 SO4 D . -20.80 2.93 -3.33
S SO4 E . -17.42 16.80 -6.67
O1 SO4 E . -16.85 17.47 -7.81
O2 SO4 E . -17.35 17.67 -5.51
O3 SO4 E . -18.79 16.44 -6.93
O4 SO4 E . -16.66 15.61 -6.40
C1 EDO F . 0.65 -0.35 -2.01
O1 EDO F . 1.59 -0.77 -1.02
C2 EDO F . 1.24 0.45 -3.13
O2 EDO F . 1.87 1.63 -2.69
S SO4 G . -15.68 0.46 3.56
O1 SO4 G . -14.32 0.05 3.51
O2 SO4 G . -16.34 0.08 2.32
O3 SO4 G . -16.35 -0.18 4.69
O4 SO4 G . -15.75 1.89 3.68
S SO4 H . 15.14 7.92 -15.84
O1 SO4 H . 16.06 6.83 -16.10
O2 SO4 H . 14.52 8.33 -17.08
O3 SO4 H . 14.06 7.57 -14.91
O4 SO4 H . 15.94 8.99 -15.27
S SO4 I . 5.13 -8.80 -20.03
O1 SO4 I . 5.89 -9.34 -18.92
O2 SO4 I . 4.62 -9.90 -20.81
O3 SO4 I . 4.05 -8.01 -19.52
O4 SO4 I . 5.97 -7.96 -20.85
N1 VVG J . 13.84 -4.37 -11.67
C4 VVG J . 15.55 -6.14 -11.65
C5 VVG J . 16.08 -7.28 -11.06
C6 VVG J . 15.57 -7.76 -9.87
C7 VVG J . 14.52 -7.10 -9.25
C8 VVG J . 14.02 -5.96 -9.83
C1 VVG J . 13.85 -4.61 -15.33
C2 VVG J . 13.17 -3.81 -14.26
S1 VVG J . 14.23 -3.37 -12.90
O1 VVG J . 13.57 -2.15 -12.55
O2 VVG J . 15.64 -3.35 -13.16
C3 VVG J . 14.50 -5.46 -11.04
F1 VVG J . 13.03 -5.28 -9.22
C1 EDO K . -23.26 -7.49 13.60
O1 EDO K . -23.79 -7.14 12.33
C2 EDO K . -23.15 -6.34 14.54
O2 EDO K . -24.39 -5.80 14.77
S SO4 L . -17.49 -19.41 15.14
O1 SO4 L . -16.11 -19.82 15.26
O2 SO4 L . -17.55 -18.13 14.48
O3 SO4 L . -18.23 -20.38 14.37
O4 SO4 L . -18.08 -19.30 16.45
#